data_9EY7
#
_entry.id   9EY7
#
_cell.length_a   103.152
_cell.length_b   103.152
_cell.length_c   138.509
_cell.angle_alpha   90.000
_cell.angle_beta   90.000
_cell.angle_gamma   120.000
#
_symmetry.space_group_name_H-M   'P 32 2 1'
#
loop_
_entity.id
_entity.type
_entity.pdbx_description
1 polymer '5,6-dihydroxyindole-2-carboxylic acid oxidase'
2 branched alpha-D-mannopyranose-(1-3)-[alpha-D-mannopyranose-(1-6)]beta-D-mannopyranose-(1-4)-2-acetamido-2-deoxy-beta-D-glucopyranose-(1-4)-[alpha-L-fucopyranose-(1-6)]2-acetamido-2-deoxy-beta-D-glucopyranose
3 branched beta-D-mannopyranose-(1-4)-2-acetamido-2-deoxy-beta-D-glucopyranose-(1-4)-2-acetamido-2-deoxy-beta-D-glucopyranose
4 branched 2-acetamido-2-deoxy-beta-D-glucopyranose-(1-4)-2-acetamido-2-deoxy-beta-D-glucopyranose
5 non-polymer 2-acetamido-2-deoxy-beta-D-glucopyranose
6 non-polymer GLYCEROL
7 non-polymer 'ZINC ION'
8 non-polymer 2-hydroxy-L-tyrosine
9 water water
#
_entity_poly.entity_id   1
_entity_poly.type   'polypeptide(L)'
_entity_poly.pdbx_seq_one_letter_code
;QFPRQCATVEALRSGMCCPDLSPVSGPGTDRCGSSSGRGRCEAVTADSRPHSPQYPHDGRDDREVWPLRFFNRTCHCNGN
FSGHNCGTCRPGWRGAACDQRVLIVRRNLLDLSKEEKNHFVRALDMAKRTTHPLFVIATRRSEEILGPDGNTPQFENISI
YNYFVWTHYYSVKKTFLGVGQESFGEVDFSHEGPAFLTWHRYHLLRLEKDMQEMLQEPSFSLPYWNFATGKNVCDICTDD
LMGSRSNFDSTLISPNSVFSQWRVVCDSLEDYDTLGTLCNSTEDGPIRRNPAGNVARPMVQRLPEPQDVAQCLEVGLFDT
PPFYSNSTNSFRNTVEGYSDPTGKYDPAVRSLHNLAHLFLNGTGGQTHLSPNDPIFVLLHTFTDAVFDEWLRRYNADIST
FPLENAPIGHNRQYNMVPFWPPVTNTEMFVTAPDNLGYTYEIQWPSR
;
_entity_poly.pdbx_strand_id   A
#
# COMPACT_ATOMS: atom_id res chain seq x y z
N GLN A 1 8.55 8.73 -5.13
CA GLN A 1 7.11 8.74 -5.09
C GLN A 1 6.55 9.59 -6.25
N PHE A 2 7.42 10.34 -6.92
CA PHE A 2 7.02 11.21 -8.01
C PHE A 2 7.57 10.69 -9.34
N PRO A 3 6.92 11.05 -10.47
CA PRO A 3 7.50 10.68 -11.78
C PRO A 3 8.93 11.17 -11.89
N ARG A 4 9.76 10.36 -12.56
CA ARG A 4 11.14 10.77 -12.82
C ARG A 4 11.17 12.18 -13.43
N GLN A 5 10.26 12.43 -14.39
CA GLN A 5 10.21 13.71 -15.07
C GLN A 5 10.11 14.87 -14.09
N CYS A 6 9.44 14.66 -12.95
CA CYS A 6 9.17 15.75 -12.03
C CYS A 6 10.21 15.87 -10.91
N ALA A 7 11.10 14.88 -10.74
CA ALA A 7 12.10 14.92 -9.67
C ALA A 7 13.29 15.81 -10.05
N THR A 8 13.02 17.03 -10.49
CA THR A 8 14.05 17.97 -10.93
C THR A 8 13.95 19.27 -10.13
N VAL A 9 15.05 20.04 -10.18
CA VAL A 9 15.03 21.39 -9.61
C VAL A 9 13.93 22.24 -10.26
N GLU A 10 13.88 22.25 -11.58
CA GLU A 10 12.93 23.13 -12.26
C GLU A 10 11.48 22.77 -11.93
N ALA A 11 11.17 21.48 -11.82
CA ALA A 11 9.77 21.09 -11.58
C ALA A 11 9.37 21.36 -10.14
N LEU A 12 10.27 21.08 -9.19
CA LEU A 12 10.01 21.46 -7.80
C LEU A 12 9.88 22.97 -7.67
N ARG A 13 10.69 23.71 -8.43
CA ARG A 13 10.61 25.16 -8.40
C ARG A 13 9.26 25.66 -8.87
N SER A 14 8.75 25.06 -9.95
CA SER A 14 7.46 25.45 -10.50
C SER A 14 6.29 24.97 -9.65
N GLY A 15 6.52 23.98 -8.76
CA GLY A 15 5.47 23.30 -8.04
C GLY A 15 4.53 22.47 -8.90
N MET A 16 4.91 22.20 -10.14
CA MET A 16 4.02 21.57 -11.11
C MET A 16 4.59 20.23 -11.54
N CYS A 17 3.79 19.17 -11.43
CA CYS A 17 4.13 17.84 -11.93
C CYS A 17 3.12 17.46 -12.99
N CYS A 18 3.36 17.89 -14.22
CA CYS A 18 2.43 17.66 -15.32
C CYS A 18 3.25 17.21 -16.51
N PRO A 19 3.68 15.96 -16.52
CA PRO A 19 4.59 15.50 -17.57
C PRO A 19 3.91 15.41 -18.92
N ASP A 20 4.73 15.49 -19.97
CA ASP A 20 4.23 15.32 -21.32
C ASP A 20 3.80 13.88 -21.58
N LEU A 21 2.82 13.74 -22.46
CA LEU A 21 2.44 12.43 -22.97
C LEU A 21 3.17 12.14 -24.30
N SER A 22 2.98 13.00 -25.30
CA SER A 22 3.55 12.81 -26.64
C SER A 22 4.01 14.15 -27.18
N PRO A 23 5.15 14.68 -26.68
CA PRO A 23 5.59 16.07 -26.99
C PRO A 23 6.17 16.22 -28.39
N VAL A 24 5.28 16.09 -29.38
CA VAL A 24 5.71 16.13 -30.77
C VAL A 24 6.27 17.51 -31.14
N SER A 25 5.63 18.58 -30.67
CA SER A 25 6.05 19.94 -30.99
C SER A 25 7.08 20.49 -30.01
N GLY A 26 7.88 19.63 -29.36
CA GLY A 26 8.88 20.06 -28.43
C GLY A 26 8.49 19.85 -26.97
N PRO A 27 9.43 20.03 -26.05
CA PRO A 27 9.11 19.89 -24.63
C PRO A 27 7.95 20.78 -24.18
N GLY A 28 7.09 20.19 -23.34
CA GLY A 28 5.98 20.90 -22.72
C GLY A 28 4.75 21.12 -23.56
N THR A 29 4.67 20.53 -24.76
CA THR A 29 3.57 20.80 -25.67
C THR A 29 2.48 19.73 -25.66
N ASP A 30 2.60 18.70 -24.81
CA ASP A 30 1.51 17.76 -24.60
C ASP A 30 1.44 17.35 -23.14
N ARG A 31 1.53 18.31 -22.24
CA ARG A 31 1.32 18.03 -20.82
C ARG A 31 -0.02 17.33 -20.62
N CYS A 32 0.02 16.21 -19.89
CA CYS A 32 -1.17 15.45 -19.51
C CYS A 32 -1.98 14.98 -20.72
N GLY A 33 -1.34 14.94 -21.89
CA GLY A 33 -2.05 14.51 -23.08
C GLY A 33 -3.16 15.48 -23.42
N SER A 34 -2.94 16.76 -23.13
CA SER A 34 -3.94 17.78 -23.40
C SER A 34 -4.15 17.99 -24.89
N SER A 35 -3.09 17.83 -25.70
CA SER A 35 -3.26 18.07 -27.13
C SER A 35 -4.07 16.97 -27.81
N SER A 36 -4.29 15.83 -27.15
CA SER A 36 -5.20 14.80 -27.65
C SER A 36 -6.51 14.73 -26.85
N GLY A 37 -6.71 15.65 -25.90
CA GLY A 37 -7.91 15.66 -25.09
C GLY A 37 -7.88 14.77 -23.87
N ARG A 38 -6.74 14.14 -23.56
CA ARG A 38 -6.75 13.09 -22.55
C ARG A 38 -6.81 13.66 -21.13
N GLY A 39 -6.14 14.78 -20.87
CA GLY A 39 -6.24 15.38 -19.54
C GLY A 39 -5.72 16.79 -19.54
N ARG A 40 -5.70 17.39 -18.35
CA ARG A 40 -5.31 18.78 -18.19
C ARG A 40 -4.45 18.93 -16.95
N CYS A 41 -3.52 19.88 -17.01
CA CYS A 41 -2.76 20.25 -15.83
C CYS A 41 -3.59 21.22 -14.99
N GLU A 42 -3.89 20.82 -13.75
CA GLU A 42 -4.77 21.58 -12.88
C GLU A 42 -4.21 21.61 -11.46
N ALA A 43 -4.84 22.44 -10.63
CA ALA A 43 -4.45 22.56 -9.24
C ALA A 43 -4.84 21.30 -8.49
N VAL A 44 -3.98 20.84 -7.56
CA VAL A 44 -4.34 19.68 -6.75
C VAL A 44 -5.38 20.07 -5.70
N THR A 45 -6.33 19.17 -5.48
CA THR A 45 -7.16 19.18 -4.30
C THR A 45 -6.45 18.45 -3.17
N ALA A 46 -6.43 19.03 -1.98
CA ALA A 46 -5.85 18.34 -0.84
C ALA A 46 -6.69 18.63 0.40
N ASP A 47 -6.99 17.59 1.18
CA ASP A 47 -7.85 17.76 2.34
C ASP A 47 -7.24 18.74 3.33
N SER A 48 -8.04 19.75 3.68
CA SER A 48 -7.73 20.72 4.69
C SER A 48 -8.38 20.43 6.03
N ARG A 49 -9.37 19.51 6.10
CA ARG A 49 -10.16 19.36 7.29
C ARG A 49 -9.26 18.90 8.44
N PRO A 50 -9.63 19.18 9.68
CA PRO A 50 -8.72 18.92 10.82
C PRO A 50 -8.64 17.45 11.21
N HIS A 51 -7.52 17.08 11.80
CA HIS A 51 -7.31 15.72 12.26
C HIS A 51 -7.32 15.65 13.78
N SER A 52 -7.30 14.41 14.29
CA SER A 52 -7.30 14.20 15.73
C SER A 52 -6.02 14.77 16.34
N PRO A 53 -6.07 15.15 17.61
CA PRO A 53 -4.91 15.83 18.22
C PRO A 53 -3.71 14.92 18.36
N GLN A 54 -2.53 15.56 18.39
CA GLN A 54 -1.27 14.92 18.72
C GLN A 54 -0.48 15.85 19.62
N TYR A 55 0.06 15.32 20.72
CA TYR A 55 0.93 16.07 21.62
C TYR A 55 2.31 15.42 21.70
N PRO A 56 3.39 16.11 21.27
CA PRO A 56 3.36 17.37 20.54
C PRO A 56 3.27 17.16 19.01
N HIS A 57 2.97 18.24 18.30
CA HIS A 57 2.71 18.17 16.87
C HIS A 57 3.10 19.51 16.25
N ASP A 58 4.29 19.53 15.62
CA ASP A 58 4.78 20.76 15.01
C ASP A 58 4.03 21.08 13.73
N GLY A 59 3.63 20.07 12.97
CA GLY A 59 3.01 20.30 11.68
C GLY A 59 4.00 20.57 10.56
N ARG A 60 5.28 20.27 10.77
CA ARG A 60 6.33 20.39 9.77
C ARG A 60 6.46 19.13 8.92
N ASP A 61 5.61 18.15 9.19
CA ASP A 61 5.73 16.84 8.54
C ASP A 61 5.35 16.94 7.07
N ASP A 62 6.29 16.55 6.20
CA ASP A 62 6.08 16.66 4.75
C ASP A 62 4.87 15.87 4.26
N ARG A 63 4.18 15.16 5.14
CA ARG A 63 3.04 14.35 4.73
C ARG A 63 1.72 15.04 5.02
N GLU A 64 1.73 16.13 5.78
CA GLU A 64 0.54 16.95 5.96
C GLU A 64 0.07 17.47 4.60
N VAL A 65 -1.24 17.51 4.43
CA VAL A 65 -1.92 17.99 3.22
C VAL A 65 -1.20 17.50 1.98
N TRP A 66 -0.87 16.22 1.98
CA TRP A 66 -0.22 15.57 0.84
C TRP A 66 -0.97 15.90 -0.46
N PRO A 67 -0.27 16.16 -1.59
CA PRO A 67 1.19 16.29 -1.80
C PRO A 67 1.70 17.75 -1.81
N LEU A 68 0.99 18.66 -1.15
CA LEU A 68 1.26 20.09 -1.25
C LEU A 68 2.65 20.51 -0.78
N ARG A 69 3.40 19.65 -0.09
CA ARG A 69 4.72 20.11 0.28
C ARG A 69 5.63 20.09 -0.94
N PHE A 70 5.27 19.35 -1.99
CA PHE A 70 6.12 19.22 -3.17
C PHE A 70 5.51 19.80 -4.44
N PHE A 71 4.24 19.47 -4.75
CA PHE A 71 3.60 19.95 -5.98
C PHE A 71 2.18 20.40 -5.65
N ASN A 72 1.73 21.46 -6.33
CA ASN A 72 0.35 21.91 -6.23
C ASN A 72 -0.35 21.90 -7.57
N ARG A 73 0.27 21.32 -8.61
CA ARG A 73 -0.40 21.12 -9.89
C ARG A 73 -0.06 19.73 -10.39
N THR A 74 -1.09 18.90 -10.64
CA THR A 74 -0.97 17.59 -11.27
C THR A 74 -1.79 17.53 -12.54
N CYS A 75 -1.69 16.41 -13.22
CA CYS A 75 -2.61 16.08 -14.31
C CYS A 75 -3.94 15.59 -13.76
N HIS A 76 -5.02 16.21 -14.22
CA HIS A 76 -6.36 15.67 -14.09
C HIS A 76 -6.79 15.14 -15.45
N CYS A 77 -7.21 13.89 -15.50
CA CYS A 77 -7.51 13.23 -16.75
C CYS A 77 -9.01 13.29 -17.02
N ASN A 78 -9.37 13.26 -18.30
CA ASN A 78 -10.78 13.30 -18.66
C ASN A 78 -11.30 11.89 -18.90
N GLY A 79 -12.59 11.72 -18.70
CA GLY A 79 -13.21 10.45 -19.03
C GLY A 79 -12.58 9.31 -18.28
N ASN A 80 -12.31 8.23 -18.99
CA ASN A 80 -11.75 7.03 -18.40
C ASN A 80 -10.21 6.97 -18.56
N PHE A 81 -9.58 8.07 -18.91
CA PHE A 81 -8.13 8.12 -18.93
C PHE A 81 -7.59 8.25 -17.51
N SER A 82 -6.34 7.81 -17.31
CA SER A 82 -5.58 8.22 -16.12
C SER A 82 -4.09 7.94 -16.35
N GLY A 83 -3.35 7.95 -15.24
CA GLY A 83 -1.91 7.92 -15.24
C GLY A 83 -1.33 9.28 -14.93
N HIS A 84 -0.04 9.28 -14.56
CA HIS A 84 0.61 10.52 -14.18
C HIS A 84 0.57 11.53 -15.32
N ASN A 85 0.52 11.06 -16.56
CA ASN A 85 0.32 11.96 -17.69
C ASN A 85 -0.88 11.55 -18.53
N CYS A 86 -1.81 10.78 -17.97
CA CYS A 86 -3.05 10.44 -18.65
C CYS A 86 -2.79 9.62 -19.90
N GLY A 87 -1.65 8.92 -19.90
CA GLY A 87 -1.33 8.02 -20.97
C GLY A 87 -1.96 6.64 -20.90
N THR A 88 -2.64 6.28 -19.82
CA THR A 88 -3.20 4.93 -19.67
C THR A 88 -4.68 5.06 -19.34
N CYS A 89 -5.28 3.99 -18.81
CA CYS A 89 -6.72 3.98 -18.57
C CYS A 89 -7.04 3.84 -17.09
N ARG A 90 -8.25 4.27 -16.72
CA ARG A 90 -8.77 3.99 -15.39
C ARG A 90 -8.84 2.48 -15.19
N PRO A 91 -8.68 1.99 -13.96
CA PRO A 91 -8.89 0.58 -13.69
C PRO A 91 -10.26 0.08 -14.14
N GLY A 92 -10.26 -1.01 -14.91
CA GLY A 92 -11.45 -1.55 -15.50
C GLY A 92 -11.64 -1.26 -16.98
N TRP A 93 -10.68 -0.57 -17.61
CA TRP A 93 -10.80 -0.13 -18.99
C TRP A 93 -9.48 -0.33 -19.71
N ARG A 94 -9.56 -0.58 -21.01
CA ARG A 94 -8.38 -0.71 -21.86
C ARG A 94 -8.67 -0.03 -23.18
N GLY A 95 -7.63 0.11 -24.00
CA GLY A 95 -7.74 0.66 -25.33
C GLY A 95 -7.16 2.07 -25.43
N ALA A 96 -6.78 2.44 -26.66
CA ALA A 96 -6.31 3.80 -26.89
C ALA A 96 -7.39 4.82 -26.59
N ALA A 97 -8.66 4.43 -26.76
CA ALA A 97 -9.82 5.20 -26.36
C ALA A 97 -10.30 4.92 -24.94
N CYS A 98 -9.71 3.92 -24.27
CA CYS A 98 -10.10 3.56 -22.90
C CYS A 98 -11.61 3.33 -22.83
N ASP A 99 -12.10 2.47 -23.72
CA ASP A 99 -13.53 2.23 -23.87
C ASP A 99 -13.88 0.75 -23.98
N GLN A 100 -12.92 -0.15 -23.76
CA GLN A 100 -13.20 -1.59 -23.62
C GLN A 100 -13.14 -1.96 -22.15
N ARG A 101 -14.29 -2.32 -21.57
CA ARG A 101 -14.31 -2.83 -20.19
C ARG A 101 -13.52 -4.13 -20.10
N VAL A 102 -12.61 -4.21 -19.12
CA VAL A 102 -11.90 -5.43 -18.77
C VAL A 102 -12.20 -5.73 -17.31
N LEU A 103 -12.26 -7.02 -16.98
CA LEU A 103 -12.55 -7.47 -15.61
C LEU A 103 -11.60 -8.61 -15.27
N ILE A 104 -10.62 -8.35 -14.38
CA ILE A 104 -9.68 -9.38 -13.96
C ILE A 104 -10.17 -10.00 -12.66
N VAL A 105 -9.75 -11.25 -12.42
CA VAL A 105 -10.21 -12.04 -11.28
C VAL A 105 -9.02 -12.39 -10.40
N ARG A 106 -9.06 -11.95 -9.15
CA ARG A 106 -8.08 -12.34 -8.13
C ARG A 106 -8.56 -13.60 -7.42
N ARG A 107 -7.67 -14.61 -7.32
CA ARG A 107 -8.05 -15.94 -6.85
C ARG A 107 -7.16 -16.45 -5.72
N ASN A 108 -7.64 -17.49 -5.03
CA ASN A 108 -6.83 -18.19 -4.03
C ASN A 108 -5.56 -18.73 -4.68
N LEU A 109 -4.41 -18.31 -4.16
CA LEU A 109 -3.15 -18.82 -4.68
C LEU A 109 -3.14 -20.34 -4.72
N LEU A 110 -3.77 -20.99 -3.74
CA LEU A 110 -3.82 -22.44 -3.72
C LEU A 110 -4.74 -23.05 -4.78
N ASP A 111 -5.59 -22.25 -5.43
CA ASP A 111 -6.44 -22.72 -6.51
C ASP A 111 -5.77 -22.63 -7.87
N LEU A 112 -4.56 -22.09 -7.95
CA LEU A 112 -3.93 -21.89 -9.24
C LEU A 112 -3.32 -23.20 -9.73
N SER A 113 -3.17 -23.29 -11.05
CA SER A 113 -2.49 -24.42 -11.63
C SER A 113 -0.99 -24.32 -11.34
N LYS A 114 -0.27 -25.41 -11.57
CA LYS A 114 1.18 -25.35 -11.37
C LYS A 114 1.80 -24.31 -12.27
N GLU A 115 1.24 -24.14 -13.48
CA GLU A 115 1.77 -23.16 -14.41
C GLU A 115 1.58 -21.74 -13.90
N GLU A 116 0.35 -21.38 -13.52
CA GLU A 116 0.10 -20.02 -13.04
C GLU A 116 0.89 -19.71 -11.78
N LYS A 117 1.03 -20.69 -10.88
CA LYS A 117 1.89 -20.51 -9.70
C LYS A 117 3.30 -20.13 -10.10
N ASN A 118 3.90 -20.87 -11.03
CA ASN A 118 5.26 -20.52 -11.43
C ASN A 118 5.31 -19.14 -12.05
N HIS A 119 4.27 -18.78 -12.83
CA HIS A 119 4.23 -17.47 -13.45
C HIS A 119 4.18 -16.37 -12.40
N PHE A 120 3.45 -16.62 -11.30
CA PHE A 120 3.33 -15.61 -10.25
C PHE A 120 4.67 -15.36 -9.56
N VAL A 121 5.29 -16.40 -9.00
CA VAL A 121 6.54 -16.15 -8.28
C VAL A 121 7.62 -15.63 -9.23
N ARG A 122 7.60 -16.04 -10.52
CA ARG A 122 8.55 -15.44 -11.44
C ARG A 122 8.22 -13.97 -11.72
N ALA A 123 6.94 -13.65 -11.90
CA ALA A 123 6.57 -12.23 -12.04
C ALA A 123 6.98 -11.44 -10.80
N LEU A 124 6.63 -11.93 -9.60
CA LEU A 124 7.09 -11.31 -8.36
C LEU A 124 8.62 -11.13 -8.35
N ASP A 125 9.35 -12.19 -8.65
CA ASP A 125 10.81 -12.06 -8.64
C ASP A 125 11.27 -11.01 -9.63
N MET A 126 10.68 -10.99 -10.83
CA MET A 126 11.03 -9.98 -11.82
C MET A 126 10.80 -8.56 -11.28
N ALA A 127 9.61 -8.31 -10.74
CA ALA A 127 9.31 -6.97 -10.25
C ALA A 127 10.27 -6.55 -9.14
N LYS A 128 10.88 -7.53 -8.44
CA LYS A 128 11.87 -7.23 -7.41
C LYS A 128 13.20 -6.78 -8.01
N ARG A 129 13.49 -7.16 -9.25
CA ARG A 129 14.78 -6.90 -9.87
C ARG A 129 14.72 -5.82 -10.96
N THR A 130 13.56 -5.30 -11.29
CA THR A 130 13.39 -4.45 -12.47
C THR A 130 13.10 -3.02 -12.05
N THR A 131 13.79 -2.06 -12.65
CA THR A 131 13.63 -0.67 -12.24
C THR A 131 12.22 -0.19 -12.55
N HIS A 132 11.63 0.56 -11.62
CA HIS A 132 10.35 1.17 -11.91
C HIS A 132 10.54 2.11 -13.09
N PRO A 133 9.79 1.95 -14.19
CA PRO A 133 10.02 2.81 -15.35
C PRO A 133 9.66 4.26 -15.09
N LEU A 134 8.97 4.51 -13.99
CA LEU A 134 8.25 5.76 -13.81
C LEU A 134 8.66 6.47 -12.52
N PHE A 135 8.48 5.84 -11.36
CA PHE A 135 8.67 6.56 -10.12
C PHE A 135 10.13 6.48 -9.64
N VAL A 136 10.56 7.52 -8.93
CA VAL A 136 11.83 7.58 -8.21
C VAL A 136 11.50 7.98 -6.78
N ILE A 137 12.34 7.60 -5.83
CA ILE A 137 12.02 7.78 -4.43
C ILE A 137 13.01 8.74 -3.77
N ALA A 138 12.47 9.64 -2.96
CA ALA A 138 13.29 10.59 -2.23
C ALA A 138 14.06 9.88 -1.14
N THR A 139 15.34 10.22 -1.02
CA THR A 139 16.16 9.72 0.09
C THR A 139 16.34 10.74 1.20
N ARG A 140 15.88 11.98 0.98
CA ARG A 140 15.97 13.03 1.97
C ARG A 140 14.61 13.68 2.18
N ARG A 141 14.38 14.17 3.40
CA ARG A 141 13.21 14.97 3.70
C ARG A 141 13.22 16.24 2.85
N SER A 142 12.05 16.91 2.79
CA SER A 142 11.83 18.04 1.90
C SER A 142 12.90 19.11 2.06
N GLU A 143 13.19 19.50 3.30
CA GLU A 143 14.13 20.59 3.54
C GLU A 143 15.57 20.28 3.10
N GLU A 144 15.88 19.05 2.68
CA GLU A 144 17.17 18.73 2.11
C GLU A 144 17.06 18.08 0.73
N ILE A 145 15.90 18.17 0.08
CA ILE A 145 15.64 17.37 -1.11
C ILE A 145 16.53 17.75 -2.28
N LEU A 146 17.09 18.97 -2.29
CA LEU A 146 17.88 19.46 -3.42
C LEU A 146 19.38 19.39 -3.17
N GLY A 147 19.81 18.77 -2.08
CA GLY A 147 21.20 18.41 -1.90
C GLY A 147 22.01 19.44 -1.16
N PRO A 148 23.28 19.10 -0.89
CA PRO A 148 24.16 20.09 -0.25
C PRO A 148 24.40 21.33 -1.10
N ASP A 149 24.59 21.19 -2.41
CA ASP A 149 24.80 22.35 -3.25
C ASP A 149 23.49 22.99 -3.70
N GLY A 150 22.35 22.55 -3.18
CA GLY A 150 21.06 23.09 -3.55
C GLY A 150 20.67 22.96 -5.01
N ASN A 151 21.42 22.17 -5.79
CA ASN A 151 21.10 21.97 -7.20
C ASN A 151 21.15 20.48 -7.58
N THR A 152 20.91 19.59 -6.62
CA THR A 152 21.02 18.15 -6.83
C THR A 152 19.86 17.41 -6.17
N PRO A 153 18.85 17.00 -6.95
CA PRO A 153 17.69 16.31 -6.35
C PRO A 153 18.05 14.97 -5.74
N GLN A 154 17.67 14.78 -4.47
CA GLN A 154 17.98 13.55 -3.73
C GLN A 154 16.94 12.47 -4.01
N PHE A 155 16.96 11.99 -5.25
CA PHE A 155 16.03 10.98 -5.71
C PHE A 155 16.80 9.81 -6.31
N GLU A 156 16.31 8.60 -6.04
CA GLU A 156 16.94 7.37 -6.48
C GLU A 156 15.98 6.56 -7.34
N ASN A 157 16.53 5.85 -8.33
CA ASN A 157 15.78 4.79 -8.96
C ASN A 157 15.56 3.66 -7.96
N ILE A 158 14.48 2.91 -8.15
CA ILE A 158 14.13 1.82 -7.26
C ILE A 158 13.38 0.79 -8.09
N SER A 159 13.40 -0.46 -7.62
CA SER A 159 12.77 -1.54 -8.36
C SER A 159 11.26 -1.47 -8.19
N ILE A 160 10.55 -2.16 -9.09
CA ILE A 160 9.08 -2.17 -9.03
C ILE A 160 8.64 -2.66 -7.65
N TYR A 161 9.13 -3.83 -7.22
CA TYR A 161 8.65 -4.33 -5.94
C TYR A 161 9.18 -3.50 -4.76
N ASN A 162 10.41 -2.98 -4.85
CA ASN A 162 10.92 -2.17 -3.74
C ASN A 162 10.11 -0.89 -3.57
N TYR A 163 9.60 -0.31 -4.68
CA TYR A 163 8.71 0.85 -4.58
C TYR A 163 7.47 0.51 -3.75
N PHE A 164 6.85 -0.64 -4.05
CA PHE A 164 5.75 -1.14 -3.22
C PHE A 164 6.14 -1.17 -1.73
N VAL A 165 7.40 -1.53 -1.43
CA VAL A 165 7.84 -1.53 -0.04
C VAL A 165 8.07 -0.10 0.46
N TRP A 166 8.71 0.75 -0.36
CA TRP A 166 9.02 2.13 0.02
C TRP A 166 7.78 2.94 0.40
N THR A 167 6.77 3.00 -0.49
CA THR A 167 5.56 3.75 -0.17
C THR A 167 4.97 3.35 1.18
N HIS A 168 4.98 2.05 1.50
CA HIS A 168 4.46 1.60 2.79
C HIS A 168 5.33 2.11 3.95
N TYR A 169 6.64 2.11 3.78
CA TYR A 169 7.53 2.62 4.84
C TYR A 169 7.29 4.11 5.07
N TYR A 170 7.23 4.90 4.00
CA TYR A 170 6.99 6.32 4.10
C TYR A 170 5.66 6.63 4.81
N SER A 171 4.64 5.81 4.58
CA SER A 171 3.36 6.09 5.24
C SER A 171 3.38 5.84 6.75
N VAL A 172 4.33 5.07 7.28
CA VAL A 172 4.37 4.74 8.71
C VAL A 172 5.55 5.33 9.46
N LYS A 173 6.59 5.84 8.78
CA LYS A 173 7.78 6.33 9.45
C LYS A 173 7.44 7.41 10.48
N LYS A 174 8.31 7.58 11.46
CA LYS A 174 8.13 8.56 12.52
C LYS A 174 8.50 9.95 12.00
N THR A 175 7.74 10.97 12.46
CA THR A 175 8.11 12.36 12.16
C THR A 175 9.46 12.69 12.79
N PHE A 176 10.38 13.24 11.99
CA PHE A 176 11.71 13.52 12.52
C PHE A 176 11.64 14.51 13.69
N LEU A 177 12.52 14.33 14.65
CA LEU A 177 12.59 15.27 15.75
C LEU A 177 13.77 16.22 15.53
N GLY A 178 14.98 15.70 15.67
CA GLY A 178 16.15 16.54 15.51
C GLY A 178 16.97 16.65 16.77
N VAL A 179 17.41 17.86 17.07
CA VAL A 179 18.28 18.14 18.20
C VAL A 179 17.53 19.08 19.13
N GLY A 180 17.45 18.71 20.40
CA GLY A 180 16.73 19.47 21.39
C GLY A 180 15.23 19.37 21.29
N GLN A 181 14.72 18.70 20.25
CA GLN A 181 13.28 18.58 20.06
C GLN A 181 12.71 17.42 20.86
N GLU A 182 11.52 17.63 21.42
CA GLU A 182 10.86 16.62 22.22
C GLU A 182 10.41 15.46 21.34
N SER A 183 10.06 14.35 22.00
CA SER A 183 9.53 13.19 21.30
C SER A 183 8.16 13.54 20.74
N PHE A 184 8.07 13.67 19.43
CA PHE A 184 6.79 13.96 18.80
C PHE A 184 5.88 12.73 18.88
N GLY A 185 4.57 12.97 18.92
CA GLY A 185 3.60 11.91 18.87
C GLY A 185 3.80 11.01 17.67
N GLU A 186 3.51 9.71 17.84
CA GLU A 186 3.65 8.75 16.74
C GLU A 186 2.40 8.72 15.88
N VAL A 187 2.61 8.66 14.55
CA VAL A 187 1.54 8.78 13.56
C VAL A 187 1.65 7.63 12.56
N ASP A 188 0.52 7.30 11.94
CA ASP A 188 0.50 6.21 10.97
C ASP A 188 -0.55 6.53 9.91
N PHE A 189 -0.09 6.89 8.72
CA PHE A 189 -0.96 7.30 7.63
C PHE A 189 -1.71 6.15 6.97
N SER A 190 -1.45 4.91 7.34
CA SER A 190 -2.06 3.79 6.64
C SER A 190 -2.55 2.68 7.55
N HIS A 191 -2.46 2.85 8.88
CA HIS A 191 -2.99 1.89 9.83
C HIS A 191 -3.60 2.65 10.98
N GLU A 192 -4.37 1.91 11.81
CA GLU A 192 -4.94 2.44 13.05
C GLU A 192 -5.83 3.65 12.76
N GLY A 193 -6.88 3.39 11.98
CA GLY A 193 -7.73 4.44 11.50
C GLY A 193 -8.39 4.01 10.20
N PRO A 194 -9.46 4.72 9.80
CA PRO A 194 -10.30 4.24 8.68
C PRO A 194 -9.58 4.13 7.34
N ALA A 195 -8.53 4.90 7.11
CA ALA A 195 -7.90 4.81 5.79
C ALA A 195 -7.10 3.52 5.61
N PHE A 196 -6.94 2.71 6.67
CA PHE A 196 -6.17 1.47 6.56
C PHE A 196 -6.63 0.63 5.36
N LEU A 197 -7.94 0.39 5.25
CA LEU A 197 -8.45 -0.49 4.19
C LEU A 197 -8.30 0.12 2.79
N THR A 198 -8.56 1.41 2.64
CA THR A 198 -8.47 1.98 1.31
C THR A 198 -7.04 2.24 0.90
N TRP A 199 -6.19 2.60 1.86
CA TRP A 199 -4.79 2.81 1.53
C TRP A 199 -4.19 1.53 0.97
N HIS A 200 -4.42 0.41 1.65
CA HIS A 200 -3.86 -0.85 1.19
C HIS A 200 -4.53 -1.34 -0.08
N ARG A 201 -5.83 -1.07 -0.24
CA ARG A 201 -6.48 -1.32 -1.53
C ARG A 201 -5.70 -0.66 -2.65
N TYR A 202 -5.47 0.65 -2.58
CA TYR A 202 -4.77 1.30 -3.69
C TYR A 202 -3.38 0.74 -3.85
N HIS A 203 -2.72 0.48 -2.71
CA HIS A 203 -1.38 -0.09 -2.69
C HIS A 203 -1.30 -1.30 -3.60
N LEU A 204 -2.24 -2.23 -3.41
CA LEU A 204 -2.29 -3.44 -4.24
C LEU A 204 -2.51 -3.08 -5.71
N LEU A 205 -3.54 -2.27 -5.97
CA LEU A 205 -3.87 -1.84 -7.33
C LEU A 205 -2.65 -1.29 -8.07
N ARG A 206 -1.87 -0.44 -7.40
CA ARG A 206 -0.66 0.12 -7.98
C ARG A 206 0.36 -0.96 -8.32
N LEU A 207 0.51 -1.99 -7.45
CA LEU A 207 1.44 -3.08 -7.76
C LEU A 207 0.96 -3.90 -8.92
N GLU A 208 -0.35 -4.21 -8.93
CA GLU A 208 -0.97 -4.98 -10.00
C GLU A 208 -0.77 -4.28 -11.33
N LYS A 209 -1.03 -2.97 -11.36
CA LYS A 209 -0.87 -2.24 -12.60
C LYS A 209 0.59 -2.24 -13.04
N ASP A 210 1.51 -1.92 -12.11
CA ASP A 210 2.93 -1.90 -12.44
C ASP A 210 3.42 -3.26 -12.95
N MET A 211 2.85 -4.36 -12.43
CA MET A 211 3.24 -5.69 -12.88
C MET A 211 2.61 -6.06 -14.21
N GLN A 212 1.34 -5.72 -14.43
CA GLN A 212 0.76 -5.87 -15.78
C GLN A 212 1.59 -5.12 -16.83
N GLU A 213 2.00 -3.89 -16.50
CA GLU A 213 2.91 -3.13 -17.37
C GLU A 213 4.18 -3.91 -17.64
N MET A 214 4.87 -4.29 -16.55
CA MET A 214 6.15 -5.02 -16.63
C MET A 214 6.03 -6.24 -17.53
N LEU A 215 5.05 -7.09 -17.27
CA LEU A 215 4.85 -8.29 -18.06
C LEU A 215 4.19 -8.03 -19.42
N GLN A 216 3.66 -6.83 -19.65
CA GLN A 216 2.82 -6.58 -20.82
C GLN A 216 1.74 -7.66 -20.95
N GLU A 217 1.12 -7.99 -19.81
CA GLU A 217 0.02 -8.95 -19.73
C GLU A 217 -1.11 -8.21 -19.03
N PRO A 218 -1.98 -7.52 -19.79
CA PRO A 218 -2.99 -6.64 -19.17
C PRO A 218 -3.90 -7.33 -18.18
N SER A 219 -4.09 -8.64 -18.30
CA SER A 219 -5.00 -9.36 -17.43
C SER A 219 -4.33 -9.96 -16.21
N PHE A 220 -3.01 -9.85 -16.08
CA PHE A 220 -2.35 -10.34 -14.88
C PHE A 220 -3.02 -9.79 -13.61
N SER A 221 -3.28 -10.69 -12.67
CA SER A 221 -3.94 -10.33 -11.42
C SER A 221 -3.19 -10.93 -10.25
N LEU A 222 -3.21 -10.19 -9.12
CA LEU A 222 -2.59 -10.61 -7.86
C LEU A 222 -3.50 -11.61 -7.15
N PRO A 223 -3.00 -12.79 -6.79
CA PRO A 223 -3.81 -13.77 -6.05
C PRO A 223 -3.81 -13.46 -4.55
N TYR A 224 -4.44 -14.34 -3.78
CA TYR A 224 -4.64 -14.05 -2.37
C TYR A 224 -4.46 -15.32 -1.55
N TRP A 225 -4.16 -15.10 -0.27
CA TRP A 225 -3.91 -16.13 0.71
C TRP A 225 -5.06 -16.16 1.70
N ASN A 226 -5.78 -17.28 1.72
CA ASN A 226 -6.81 -17.48 2.72
C ASN A 226 -6.12 -17.85 4.02
N PHE A 227 -5.82 -16.84 4.85
CA PHE A 227 -5.18 -17.10 6.15
C PHE A 227 -6.18 -17.42 7.26
N ALA A 228 -7.48 -17.37 6.97
CA ALA A 228 -8.49 -17.68 7.98
C ALA A 228 -8.83 -19.17 7.92
N THR A 229 -7.85 -19.98 8.33
CA THR A 229 -7.98 -21.43 8.31
C THR A 229 -7.82 -22.09 9.67
N GLY A 230 -7.46 -21.34 10.71
CA GLY A 230 -7.14 -21.92 12.00
C GLY A 230 -5.82 -22.65 12.06
N LYS A 231 -5.11 -22.75 10.94
CA LYS A 231 -3.90 -23.55 10.82
C LYS A 231 -2.79 -23.01 11.70
N ASN A 232 -1.95 -23.93 12.15
CA ASN A 232 -0.73 -23.64 12.89
C ASN A 232 0.52 -23.64 12.01
N VAL A 233 0.35 -23.83 10.69
CA VAL A 233 1.40 -23.70 9.69
C VAL A 233 0.98 -22.63 8.67
N CYS A 234 1.93 -22.23 7.85
CA CYS A 234 1.68 -21.30 6.76
C CYS A 234 1.56 -22.13 5.48
N ASP A 235 0.33 -22.26 4.96
CA ASP A 235 0.10 -23.30 3.95
C ASP A 235 0.51 -22.88 2.54
N ILE A 236 1.24 -21.76 2.38
CA ILE A 236 1.76 -21.32 1.09
C ILE A 236 3.26 -21.10 1.21
N CYS A 237 3.80 -21.50 2.36
CA CYS A 237 5.24 -21.50 2.61
C CYS A 237 5.90 -22.80 2.11
N THR A 238 5.82 -22.99 0.80
CA THR A 238 6.40 -24.12 0.10
C THR A 238 7.34 -23.58 -0.96
N ASP A 239 8.26 -24.44 -1.40
CA ASP A 239 9.25 -23.98 -2.36
C ASP A 239 8.66 -23.68 -3.74
N ASP A 240 7.44 -24.15 -4.03
CA ASP A 240 6.82 -23.79 -5.29
C ASP A 240 5.95 -22.53 -5.15
N LEU A 241 5.84 -22.00 -3.93
CA LEU A 241 5.13 -20.75 -3.68
C LEU A 241 6.04 -19.76 -2.97
N MET A 242 5.69 -19.39 -1.75
CA MET A 242 6.35 -18.29 -1.06
C MET A 242 7.60 -18.71 -0.30
N GLY A 243 7.94 -20.00 -0.29
CA GLY A 243 9.19 -20.48 0.27
C GLY A 243 9.01 -21.29 1.53
N SER A 244 9.64 -22.45 1.64
CA SER A 244 9.53 -23.19 2.88
C SER A 244 10.70 -22.84 3.79
N ARG A 245 10.74 -23.45 4.97
CA ARG A 245 11.74 -23.10 5.95
C ARG A 245 13.11 -23.63 5.55
N SER A 246 14.14 -22.80 5.69
CA SER A 246 15.53 -23.23 5.46
C SER A 246 15.94 -24.32 6.45
N ASN A 247 16.46 -25.43 5.91
CA ASN A 247 17.04 -26.47 6.76
C ASN A 247 18.32 -26.01 7.48
N PHE A 248 18.90 -24.86 7.14
CA PHE A 248 20.13 -24.41 7.75
C PHE A 248 19.94 -23.30 8.77
N ASP A 249 18.87 -22.53 8.67
CA ASP A 249 18.56 -21.46 9.60
C ASP A 249 17.05 -21.39 9.64
N SER A 250 16.44 -21.79 10.76
CA SER A 250 15.00 -21.96 10.80
C SER A 250 14.20 -20.64 10.69
N THR A 251 14.88 -19.48 10.67
CA THR A 251 14.20 -18.22 10.44
C THR A 251 14.44 -17.67 9.05
N LEU A 252 15.17 -18.38 8.19
CA LEU A 252 15.37 -18.03 6.79
C LEU A 252 14.46 -18.87 5.89
N ILE A 253 14.43 -18.52 4.59
CA ILE A 253 13.62 -19.21 3.58
C ILE A 253 14.52 -20.23 2.87
N SER A 254 13.92 -21.37 2.54
CA SER A 254 14.62 -22.46 1.85
C SER A 254 15.45 -21.92 0.68
N PRO A 255 16.71 -22.35 0.55
CA PRO A 255 17.53 -21.85 -0.58
C PRO A 255 17.00 -22.30 -1.93
N ASN A 256 16.02 -23.19 -1.94
CA ASN A 256 15.36 -23.65 -3.15
C ASN A 256 14.19 -22.75 -3.55
N SER A 257 13.98 -21.62 -2.85
CA SER A 257 13.02 -20.61 -3.28
C SER A 257 13.75 -19.35 -3.69
N VAL A 258 13.34 -18.74 -4.79
CA VAL A 258 13.95 -17.48 -5.20
C VAL A 258 13.88 -16.44 -4.09
N PHE A 259 12.86 -16.53 -3.23
CA PHE A 259 12.71 -15.54 -2.16
C PHE A 259 13.82 -15.62 -1.11
N SER A 260 14.58 -16.71 -1.08
CA SER A 260 15.73 -16.73 -0.19
C SER A 260 16.81 -15.79 -0.69
N GLN A 261 16.79 -15.44 -1.99
CA GLN A 261 17.76 -14.51 -2.56
C GLN A 261 17.38 -13.04 -2.38
N TRP A 262 16.09 -12.72 -2.19
CA TRP A 262 15.69 -11.35 -1.93
C TRP A 262 16.45 -10.75 -0.75
N ARG A 263 16.81 -9.47 -0.86
CA ARG A 263 17.37 -8.65 0.20
C ARG A 263 16.47 -7.44 0.44
N VAL A 264 16.33 -7.04 1.72
CA VAL A 264 15.25 -6.13 2.12
C VAL A 264 15.67 -4.67 1.92
N VAL A 265 14.68 -3.77 1.90
CA VAL A 265 14.92 -2.33 1.92
C VAL A 265 14.29 -1.74 3.17
N CYS A 266 14.79 -0.57 3.59
CA CYS A 266 14.25 0.25 4.67
C CYS A 266 14.53 -0.33 6.07
N ASP A 267 15.58 -1.14 6.22
CA ASP A 267 15.93 -1.70 7.55
C ASP A 267 17.09 -0.93 8.19
N SER A 268 16.85 0.37 8.44
CA SER A 268 17.84 1.23 9.08
C SER A 268 17.14 2.30 9.92
N LEU A 269 16.05 1.90 10.61
CA LEU A 269 15.31 2.86 11.44
C LEU A 269 16.25 3.71 12.28
N GLU A 270 17.32 3.11 12.81
CA GLU A 270 18.26 3.86 13.63
C GLU A 270 18.96 4.94 12.82
N ASP A 271 19.39 4.61 11.59
CA ASP A 271 20.00 5.61 10.73
C ASP A 271 19.02 6.72 10.40
N TYR A 272 17.81 6.37 9.95
CA TYR A 272 16.86 7.39 9.52
C TYR A 272 16.47 8.29 10.69
N ASP A 273 16.06 7.68 11.81
CA ASP A 273 15.54 8.44 12.94
C ASP A 273 16.59 9.30 13.62
N THR A 274 17.86 9.19 13.25
CA THR A 274 18.90 10.05 13.78
C THR A 274 19.57 10.88 12.70
N LEU A 275 20.04 10.28 11.60
CA LEU A 275 20.63 11.08 10.52
C LEU A 275 19.63 12.04 9.87
N GLY A 276 18.33 11.85 10.09
CA GLY A 276 17.30 12.64 9.45
C GLY A 276 16.99 12.25 8.01
N THR A 277 17.41 11.06 7.57
CA THR A 277 17.30 10.63 6.19
C THR A 277 16.08 9.71 6.00
N LEU A 278 15.86 9.29 4.75
CA LEU A 278 14.78 8.40 4.37
C LEU A 278 15.34 7.08 3.82
N CYS A 279 14.53 6.03 3.93
CA CYS A 279 14.88 4.76 3.29
C CYS A 279 15.20 4.98 1.82
N ASN A 280 16.26 4.33 1.36
CA ASN A 280 16.73 4.43 -0.02
C ASN A 280 16.65 3.04 -0.69
N SER A 281 17.23 2.93 -1.89
CA SER A 281 17.06 1.73 -2.69
C SER A 281 18.15 0.70 -2.46
N THR A 282 19.06 0.94 -1.52
CA THR A 282 20.14 0.01 -1.25
C THR A 282 19.64 -1.10 -0.32
N GLU A 283 19.70 -2.34 -0.77
CA GLU A 283 19.19 -3.47 0.01
C GLU A 283 20.23 -3.95 1.03
N ASP A 284 19.76 -4.68 2.05
CA ASP A 284 20.67 -5.16 3.10
C ASP A 284 20.10 -6.25 3.99
N GLY A 285 20.31 -7.50 3.64
CA GLY A 285 19.93 -8.55 4.56
C GLY A 285 18.67 -9.23 4.12
N PRO A 286 18.47 -10.46 4.56
CA PRO A 286 17.42 -11.30 3.98
C PRO A 286 16.09 -11.19 4.70
N ILE A 287 15.07 -11.78 4.09
CA ILE A 287 13.79 -11.94 4.75
C ILE A 287 13.94 -12.92 5.90
N ARG A 288 13.37 -12.58 7.05
CA ARG A 288 13.22 -13.51 8.16
C ARG A 288 11.76 -13.88 8.29
N ARG A 289 11.49 -15.17 8.37
CA ARG A 289 10.15 -15.70 8.51
C ARG A 289 10.24 -16.95 9.36
N ASN A 290 9.27 -17.14 10.26
CA ASN A 290 9.32 -18.21 11.24
C ASN A 290 7.91 -18.51 11.68
N PRO A 291 7.11 -19.13 10.82
CA PRO A 291 5.66 -19.23 11.06
C PRO A 291 5.35 -20.03 12.31
N ALA A 292 4.43 -19.51 13.10
CA ALA A 292 4.01 -20.02 14.40
C ALA A 292 5.13 -20.03 15.42
N GLY A 293 6.28 -19.41 15.10
CA GLY A 293 7.46 -19.44 15.93
C GLY A 293 7.56 -18.40 17.01
N ASN A 294 6.49 -17.68 17.33
CA ASN A 294 6.57 -16.68 18.41
C ASN A 294 6.16 -17.37 19.71
N VAL A 295 7.13 -18.01 20.36
CA VAL A 295 6.87 -18.81 21.55
C VAL A 295 6.61 -17.97 22.79
N ALA A 296 6.92 -16.67 22.77
CA ALA A 296 6.60 -15.77 23.87
C ALA A 296 5.12 -15.36 23.90
N ARG A 297 4.42 -15.37 22.76
CA ARG A 297 3.02 -14.98 22.71
C ARG A 297 2.20 -16.09 22.07
N PRO A 298 1.78 -17.09 22.87
CA PRO A 298 0.98 -18.21 22.33
C PRO A 298 -0.23 -17.82 21.49
N MET A 299 -0.88 -16.68 21.79
CA MET A 299 -2.00 -16.21 20.96
C MET A 299 -1.58 -15.98 19.50
N VAL A 300 -0.28 -15.74 19.26
CA VAL A 300 0.24 -15.34 17.95
C VAL A 300 0.75 -16.55 17.13
N GLN A 301 0.35 -17.76 17.52
CA GLN A 301 0.87 -18.98 16.91
C GLN A 301 -0.17 -19.82 16.20
N ARG A 302 -1.42 -19.41 16.20
CA ARG A 302 -2.44 -19.95 15.31
C ARG A 302 -3.03 -18.83 14.45
N LEU A 303 -3.57 -19.20 13.31
CA LEU A 303 -4.17 -18.23 12.40
C LEU A 303 -5.64 -17.99 12.75
N PRO A 304 -6.25 -16.94 12.21
CA PRO A 304 -7.69 -16.72 12.47
C PRO A 304 -8.53 -17.91 12.04
N GLU A 305 -9.62 -18.12 12.74
CA GLU A 305 -10.54 -19.19 12.41
C GLU A 305 -11.46 -18.75 11.28
N PRO A 306 -12.06 -19.70 10.54
CA PRO A 306 -12.98 -19.31 9.45
C PRO A 306 -14.17 -18.48 9.92
N GLN A 307 -14.74 -18.80 11.08
CA GLN A 307 -15.83 -18.00 11.64
C GLN A 307 -15.39 -16.58 11.99
N ASP A 308 -14.09 -16.33 12.18
CA ASP A 308 -13.65 -14.97 12.49
C ASP A 308 -13.94 -14.03 11.33
N VAL A 309 -13.77 -14.52 10.09
CA VAL A 309 -14.10 -13.72 8.91
C VAL A 309 -15.61 -13.49 8.83
N ALA A 310 -16.40 -14.55 9.01
CA ALA A 310 -17.84 -14.41 8.89
C ALA A 310 -18.40 -13.50 9.98
N GLN A 311 -17.82 -13.55 11.18
CA GLN A 311 -18.34 -12.75 12.27
C GLN A 311 -18.01 -11.27 12.10
N CYS A 312 -16.85 -10.96 11.54
CA CYS A 312 -16.51 -9.55 11.40
C CYS A 312 -17.33 -8.88 10.30
N LEU A 313 -17.78 -9.65 9.31
CA LEU A 313 -18.73 -9.14 8.31
C LEU A 313 -20.12 -8.93 8.88
N GLU A 314 -20.33 -9.09 10.19
CA GLU A 314 -21.59 -8.73 10.83
C GLU A 314 -21.55 -7.33 11.43
N VAL A 315 -20.36 -6.79 11.65
CA VAL A 315 -20.18 -5.43 12.17
C VAL A 315 -20.63 -4.44 11.10
N GLY A 316 -21.80 -3.83 11.32
CA GLY A 316 -22.44 -3.04 10.29
C GLY A 316 -21.86 -1.65 10.09
N LEU A 317 -21.26 -1.07 11.11
CA LEU A 317 -20.65 0.24 10.99
C LEU A 317 -19.24 0.11 10.41
N PHE A 318 -18.92 0.93 9.40
CA PHE A 318 -17.58 0.84 8.81
C PHE A 318 -16.53 1.25 9.83
N ASP A 319 -16.74 2.38 10.50
CA ASP A 319 -15.80 2.76 11.55
C ASP A 319 -16.56 3.52 12.63
N THR A 320 -15.90 3.73 13.76
CA THR A 320 -16.53 4.35 14.91
C THR A 320 -15.52 5.25 15.60
N PRO A 321 -16.00 6.25 16.34
CA PRO A 321 -15.08 7.12 17.07
C PRO A 321 -14.31 6.33 18.12
N PRO A 322 -13.07 6.75 18.43
CA PRO A 322 -12.31 7.87 17.87
C PRO A 322 -11.57 7.52 16.57
N PHE A 323 -12.05 6.52 15.81
CA PHE A 323 -11.45 6.12 14.54
C PHE A 323 -9.98 5.75 14.69
N TYR A 324 -9.70 4.91 15.68
CA TYR A 324 -8.34 4.55 16.06
C TYR A 324 -8.29 3.05 16.34
N SER A 325 -7.09 2.56 16.70
CA SER A 325 -6.89 1.15 17.03
C SER A 325 -7.67 0.69 18.25
N ASN A 326 -8.36 1.60 18.96
CA ASN A 326 -9.18 1.25 20.11
C ASN A 326 -10.67 1.50 19.86
N SER A 327 -11.09 1.48 18.59
CA SER A 327 -12.51 1.65 18.25
C SER A 327 -13.27 0.35 18.46
N THR A 328 -14.55 0.47 18.84
CA THR A 328 -15.38 -0.68 19.17
C THR A 328 -16.59 -0.71 18.23
N ASN A 329 -17.03 -1.93 17.92
CA ASN A 329 -18.12 -2.17 16.95
C ASN A 329 -17.82 -1.52 15.60
N SER A 330 -16.53 -1.39 15.29
CA SER A 330 -16.04 -0.81 14.04
C SER A 330 -15.51 -1.93 13.14
N PHE A 331 -16.13 -2.10 11.96
CA PHE A 331 -15.68 -3.17 11.07
C PHE A 331 -14.23 -2.96 10.65
N ARG A 332 -13.85 -1.71 10.35
CA ARG A 332 -12.46 -1.42 10.03
C ARG A 332 -11.51 -1.91 11.14
N ASN A 333 -11.80 -1.59 12.41
CA ASN A 333 -10.87 -1.99 13.46
C ASN A 333 -10.90 -3.49 13.68
N THR A 334 -12.03 -4.12 13.35
CA THR A 334 -12.12 -5.58 13.48
C THR A 334 -11.23 -6.26 12.45
N VAL A 335 -11.45 -5.99 11.15
CA VAL A 335 -10.67 -6.67 10.12
C VAL A 335 -9.20 -6.34 10.25
N GLU A 336 -8.87 -5.07 10.55
CA GLU A 336 -7.46 -4.73 10.78
C GLU A 336 -6.87 -5.61 11.89
N GLY A 337 -7.64 -5.86 12.95
CA GLY A 337 -7.30 -6.83 13.95
C GLY A 337 -6.99 -6.30 15.34
N TYR A 338 -7.40 -5.08 15.69
CA TYR A 338 -7.24 -4.61 17.07
C TYR A 338 -8.49 -4.84 17.92
N SER A 339 -9.64 -5.13 17.32
CA SER A 339 -10.78 -5.56 18.12
C SER A 339 -11.15 -6.99 17.74
N ASP A 340 -11.90 -7.68 18.62
CA ASP A 340 -12.18 -9.09 18.39
C ASP A 340 -13.16 -9.25 17.22
N PRO A 341 -13.33 -10.48 16.70
CA PRO A 341 -14.09 -10.64 15.45
C PRO A 341 -15.55 -10.24 15.55
N THR A 342 -16.07 -10.04 16.76
CA THR A 342 -17.46 -9.63 16.96
C THR A 342 -17.64 -8.12 16.94
N GLY A 343 -16.58 -7.38 17.22
CA GLY A 343 -16.61 -5.93 17.26
C GLY A 343 -15.89 -5.42 18.48
N LYS A 344 -15.79 -6.26 19.51
CA LYS A 344 -15.44 -5.79 20.84
C LYS A 344 -13.94 -5.50 20.94
N TYR A 345 -13.59 -4.25 21.15
CA TYR A 345 -12.20 -3.91 21.41
C TYR A 345 -11.75 -4.52 22.73
N ASP A 346 -10.47 -4.93 22.77
CA ASP A 346 -9.69 -5.38 23.94
C ASP A 346 -8.22 -5.21 23.59
N PRO A 347 -7.44 -4.48 24.41
CA PRO A 347 -6.05 -4.16 24.04
C PRO A 347 -5.15 -5.38 23.97
N ALA A 348 -5.70 -6.54 24.34
CA ALA A 348 -4.97 -7.80 24.27
C ALA A 348 -5.34 -8.63 23.06
N VAL A 349 -6.48 -8.36 22.43
CA VAL A 349 -6.89 -9.09 21.25
C VAL A 349 -5.99 -8.72 20.09
N ARG A 350 -5.44 -9.73 19.40
CA ARG A 350 -4.83 -9.58 18.09
C ARG A 350 -5.52 -10.56 17.15
N SER A 351 -6.23 -10.04 16.14
CA SER A 351 -7.06 -10.91 15.31
C SER A 351 -6.80 -10.62 13.84
N LEU A 352 -7.40 -11.46 12.98
CA LEU A 352 -7.45 -11.31 11.53
C LEU A 352 -6.16 -10.76 10.92
N HIS A 353 -6.23 -9.60 10.24
CA HIS A 353 -5.08 -9.07 9.51
C HIS A 353 -3.86 -8.90 10.41
N ASN A 354 -4.04 -8.36 11.62
CA ASN A 354 -2.90 -8.20 12.53
C ASN A 354 -2.38 -9.55 12.98
N LEU A 355 -3.30 -10.47 13.30
CA LEU A 355 -2.90 -11.83 13.66
C LEU A 355 -2.06 -12.46 12.56
N ALA A 356 -2.49 -12.31 11.30
CA ALA A 356 -1.80 -12.97 10.20
C ALA A 356 -0.36 -12.47 10.07
N HIS A 357 -0.15 -11.17 10.26
CA HIS A 357 1.22 -10.64 10.26
C HIS A 357 2.08 -11.25 11.36
N LEU A 358 1.60 -11.22 12.60
CA LEU A 358 2.40 -11.67 13.75
C LEU A 358 2.75 -13.15 13.64
N PHE A 359 1.77 -13.96 13.19
CA PHE A 359 1.99 -15.36 12.89
C PHE A 359 3.33 -15.61 12.18
N LEU A 360 3.79 -14.69 11.32
CA LEU A 360 5.01 -15.00 10.57
C LEU A 360 6.28 -14.86 11.40
N ASN A 361 6.22 -14.16 12.52
CA ASN A 361 7.35 -14.01 13.45
C ASN A 361 8.64 -13.65 12.70
N GLY A 362 8.59 -12.58 11.91
CA GLY A 362 9.75 -12.18 11.14
C GLY A 362 9.58 -10.86 10.40
N THR A 363 10.37 -10.66 9.33
CA THR A 363 10.26 -9.47 8.51
C THR A 363 8.80 -9.12 8.16
N GLY A 364 7.93 -10.14 8.00
CA GLY A 364 6.53 -9.89 7.68
C GLY A 364 5.71 -9.27 8.79
N GLY A 365 6.31 -8.98 9.93
CA GLY A 365 5.56 -8.51 11.07
C GLY A 365 5.97 -7.12 11.50
N GLN A 366 7.17 -6.71 11.15
CA GLN A 366 7.62 -5.38 11.49
C GLN A 366 6.95 -4.33 10.59
N THR A 367 6.28 -3.35 11.22
CA THR A 367 5.37 -2.50 10.44
C THR A 367 6.12 -1.69 9.37
N HIS A 368 7.37 -1.30 9.63
CA HIS A 368 8.10 -0.57 8.59
C HIS A 368 8.71 -1.49 7.53
N LEU A 369 8.78 -2.80 7.78
CA LEU A 369 9.46 -3.70 6.86
C LEU A 369 8.54 -4.69 6.16
N SER A 370 7.30 -4.85 6.62
CA SER A 370 6.53 -6.04 6.28
C SER A 370 6.36 -6.31 4.79
N PRO A 371 6.14 -5.35 3.91
CA PRO A 371 5.99 -5.70 2.47
C PRO A 371 7.21 -6.37 1.86
N ASN A 372 8.36 -6.40 2.55
CA ASN A 372 9.54 -7.07 2.01
C ASN A 372 9.35 -8.58 1.92
N ASP A 373 8.56 -9.17 2.82
CA ASP A 373 8.13 -10.55 2.67
C ASP A 373 6.97 -10.59 1.68
N PRO A 374 7.11 -11.24 0.52
CA PRO A 374 6.06 -11.12 -0.51
C PRO A 374 4.72 -11.70 -0.09
N ILE A 375 4.66 -12.47 1.00
CA ILE A 375 3.41 -12.96 1.58
C ILE A 375 2.52 -11.75 1.89
N PHE A 376 3.15 -10.58 2.09
CA PHE A 376 2.41 -9.33 2.31
C PHE A 376 1.35 -9.14 1.24
N VAL A 377 1.76 -9.27 -0.03
CA VAL A 377 0.84 -9.09 -1.14
C VAL A 377 -0.42 -9.89 -0.92
N LEU A 378 -0.27 -11.17 -0.57
CA LEU A 378 -1.38 -12.11 -0.58
C LEU A 378 -2.19 -12.07 0.71
N LEU A 379 -1.54 -11.77 1.83
CA LEU A 379 -2.26 -11.36 3.03
C LEU A 379 -3.19 -10.19 2.73
N HIS A 380 -2.76 -9.22 1.92
CA HIS A 380 -3.57 -8.03 1.74
C HIS A 380 -4.61 -8.15 0.66
N THR A 381 -4.34 -8.92 -0.39
CA THR A 381 -5.43 -9.22 -1.31
C THR A 381 -6.55 -9.93 -0.57
N PHE A 382 -6.20 -10.78 0.40
CA PHE A 382 -7.26 -11.40 1.18
C PHE A 382 -8.01 -10.38 2.00
N THR A 383 -7.27 -9.56 2.76
CA THR A 383 -7.90 -8.48 3.54
C THR A 383 -8.81 -7.66 2.66
N ASP A 384 -8.34 -7.31 1.46
CA ASP A 384 -9.15 -6.48 0.57
C ASP A 384 -10.38 -7.23 0.08
N ALA A 385 -10.30 -8.55 -0.07
CA ALA A 385 -11.50 -9.32 -0.40
C ALA A 385 -12.54 -9.22 0.70
N VAL A 386 -12.11 -9.13 1.95
CA VAL A 386 -13.06 -8.94 3.04
C VAL A 386 -13.67 -7.55 2.95
N PHE A 387 -12.83 -6.53 2.74
CA PHE A 387 -13.32 -5.18 2.48
C PHE A 387 -14.31 -5.15 1.34
N ASP A 388 -13.99 -5.80 0.22
CA ASP A 388 -14.90 -5.77 -0.92
C ASP A 388 -16.21 -6.45 -0.60
N GLU A 389 -16.17 -7.52 0.18
CA GLU A 389 -17.41 -8.17 0.56
C GLU A 389 -18.25 -7.28 1.47
N TRP A 390 -17.59 -6.58 2.41
CA TRP A 390 -18.33 -5.67 3.28
C TRP A 390 -18.99 -4.57 2.46
N LEU A 391 -18.21 -3.90 1.60
CA LEU A 391 -18.75 -2.88 0.71
C LEU A 391 -19.99 -3.36 -0.02
N ARG A 392 -20.03 -4.64 -0.41
CA ARG A 392 -21.17 -5.15 -1.15
C ARG A 392 -22.37 -5.36 -0.24
N ARG A 393 -22.17 -6.06 0.89
CA ARG A 393 -23.28 -6.34 1.81
C ARG A 393 -23.97 -5.08 2.30
N TYR A 394 -23.22 -3.98 2.47
CA TYR A 394 -23.73 -2.76 3.08
C TYR A 394 -23.77 -1.56 2.13
N ASN A 395 -23.96 -1.79 0.82
CA ASN A 395 -23.99 -0.75 -0.22
C ASN A 395 -23.09 0.45 0.07
N ALA A 396 -21.82 0.15 0.39
CA ALA A 396 -20.78 1.17 0.41
C ALA A 396 -21.16 2.35 1.28
N ASP A 397 -21.79 2.05 2.40
CA ASP A 397 -22.19 3.11 3.30
C ASP A 397 -20.94 3.79 3.82
N ILE A 398 -20.60 4.95 3.21
CA ILE A 398 -19.36 5.67 3.49
C ILE A 398 -19.60 6.65 4.64
N SER A 399 -20.83 6.68 5.15
CA SER A 399 -21.25 7.75 6.06
C SER A 399 -20.47 7.76 7.38
N THR A 400 -20.13 6.58 7.93
CA THR A 400 -19.38 6.56 9.18
C THR A 400 -17.88 6.74 8.97
N PHE A 401 -17.45 6.98 7.73
CA PHE A 401 -16.06 7.27 7.39
C PHE A 401 -15.84 8.76 7.59
N PRO A 402 -15.06 9.14 8.61
CA PRO A 402 -15.06 10.53 9.06
C PRO A 402 -14.46 11.50 8.05
N LEU A 403 -15.13 12.65 7.90
CA LEU A 403 -14.58 13.75 7.12
C LEU A 403 -13.51 14.51 7.88
N GLU A 404 -13.54 14.48 9.21
CA GLU A 404 -12.53 15.19 9.97
C GLU A 404 -12.37 14.57 11.35
N ASN A 405 -11.32 15.01 12.05
CA ASN A 405 -10.89 14.56 13.37
C ASN A 405 -10.45 13.08 13.39
N ALA A 406 -10.35 12.44 12.23
CA ALA A 406 -9.69 11.16 12.14
C ALA A 406 -8.18 11.35 12.32
N PRO A 407 -7.47 10.31 12.76
CA PRO A 407 -6.00 10.43 12.82
C PRO A 407 -5.44 10.93 11.51
N ILE A 408 -4.29 11.62 11.57
CA ILE A 408 -3.77 12.26 10.37
C ILE A 408 -3.51 11.20 9.30
N GLY A 409 -3.87 11.53 8.06
CA GLY A 409 -3.86 10.61 6.95
C GLY A 409 -5.18 9.92 6.68
N HIS A 410 -6.13 9.96 7.62
CA HIS A 410 -7.31 9.09 7.58
C HIS A 410 -8.63 9.80 7.31
N ASN A 411 -8.65 11.13 7.21
CA ASN A 411 -9.87 11.84 6.83
C ASN A 411 -10.37 11.35 5.48
N ARG A 412 -11.69 11.31 5.32
CA ARG A 412 -12.28 10.74 4.11
C ARG A 412 -11.66 11.27 2.82
N GLN A 413 -11.33 12.58 2.75
CA GLN A 413 -10.88 13.16 1.50
C GLN A 413 -9.37 13.39 1.44
N TYR A 414 -8.61 12.87 2.41
CA TYR A 414 -7.15 12.89 2.35
C TYR A 414 -6.63 12.22 1.08
N ASN A 415 -5.58 12.79 0.48
CA ASN A 415 -4.82 12.08 -0.54
C ASN A 415 -3.92 11.04 0.13
N MET A 416 -4.21 9.76 -0.13
CA MET A 416 -3.47 8.69 0.54
C MET A 416 -1.97 8.81 0.26
N VAL A 417 -1.18 8.76 1.34
CA VAL A 417 0.23 9.11 1.34
C VAL A 417 1.09 7.88 1.10
N PRO A 418 2.10 7.91 0.18
CA PRO A 418 2.50 9.01 -0.74
C PRO A 418 2.17 8.73 -2.18
N PHE A 419 0.95 8.29 -2.47
CA PHE A 419 0.63 7.82 -3.81
C PHE A 419 0.50 8.98 -4.80
N TRP A 420 0.72 8.67 -6.08
CA TRP A 420 0.75 9.65 -7.15
C TRP A 420 0.20 9.04 -8.44
N PRO A 421 -0.57 9.81 -9.21
CA PRO A 421 -1.12 11.16 -8.91
C PRO A 421 -1.99 11.11 -7.65
N PRO A 422 -2.36 12.24 -7.05
CA PRO A 422 -3.08 12.19 -5.77
C PRO A 422 -4.35 11.37 -5.89
N VAL A 423 -4.67 10.64 -4.83
CA VAL A 423 -5.83 9.77 -4.89
C VAL A 423 -6.39 9.59 -3.47
N THR A 424 -7.65 9.98 -3.30
CA THR A 424 -8.30 10.10 -2.00
C THR A 424 -8.80 8.74 -1.54
N ASN A 425 -8.97 8.61 -0.21
CA ASN A 425 -9.62 7.42 0.33
C ASN A 425 -10.98 7.20 -0.33
N THR A 426 -11.70 8.29 -0.64
CA THR A 426 -13.04 8.14 -1.19
C THR A 426 -13.00 7.34 -2.47
N GLU A 427 -11.99 7.59 -3.31
CA GLU A 427 -11.95 6.91 -4.60
C GLU A 427 -11.79 5.40 -4.47
N MET A 428 -11.29 4.91 -3.33
CA MET A 428 -11.18 3.46 -3.17
C MET A 428 -12.40 2.84 -2.49
N PHE A 429 -13.32 3.66 -1.98
CA PHE A 429 -14.48 3.17 -1.23
C PHE A 429 -15.65 2.82 -2.17
N VAL A 430 -15.41 1.86 -3.07
CA VAL A 430 -16.35 1.45 -4.10
C VAL A 430 -16.28 -0.06 -4.24
N THR A 431 -17.38 -0.69 -4.66
CA THR A 431 -17.29 -2.10 -5.00
C THR A 431 -16.30 -2.26 -6.13
N ALA A 432 -15.51 -3.29 -6.06
CA ALA A 432 -14.42 -3.44 -7.02
C ALA A 432 -14.91 -3.88 -8.39
N PRO A 433 -15.83 -4.84 -8.50
CA PRO A 433 -16.16 -5.38 -9.83
C PRO A 433 -16.67 -4.35 -10.80
N ASP A 434 -17.60 -3.49 -10.36
CA ASP A 434 -18.14 -2.48 -11.27
C ASP A 434 -17.20 -1.28 -11.42
N ASN A 435 -16.51 -0.87 -10.36
CA ASN A 435 -15.87 0.43 -10.30
C ASN A 435 -14.35 0.40 -10.44
N LEU A 436 -13.71 -0.74 -10.19
CA LEU A 436 -12.26 -0.83 -10.24
C LEU A 436 -11.78 -1.99 -11.11
N GLY A 437 -12.69 -2.69 -11.78
CA GLY A 437 -12.29 -3.62 -12.80
C GLY A 437 -11.62 -4.87 -12.30
N TYR A 438 -11.83 -5.25 -11.04
CA TYR A 438 -11.38 -6.54 -10.55
C TYR A 438 -12.42 -7.12 -9.60
N THR A 439 -12.39 -8.44 -9.46
CA THR A 439 -13.27 -9.12 -8.52
C THR A 439 -12.51 -10.27 -7.88
N TYR A 440 -13.06 -10.85 -6.82
CA TYR A 440 -12.44 -11.98 -6.14
C TYR A 440 -13.25 -13.23 -6.38
N GLU A 441 -12.55 -14.31 -6.71
CA GLU A 441 -13.13 -15.66 -6.73
C GLU A 441 -13.01 -16.20 -5.30
N ILE A 442 -14.09 -16.10 -4.53
CA ILE A 442 -14.06 -16.47 -3.11
C ILE A 442 -15.45 -16.89 -2.63
N GLN A 443 -15.48 -17.91 -1.79
CA GLN A 443 -16.69 -18.33 -1.08
C GLN A 443 -16.53 -17.99 0.39
N TRP A 444 -17.59 -17.45 0.99
CA TRP A 444 -17.51 -16.97 2.35
C TRP A 444 -18.15 -17.96 3.33
N PRO A 445 -17.66 -18.03 4.58
CA PRO A 445 -18.28 -18.93 5.57
C PRO A 445 -19.73 -18.56 5.84
N SER A 446 -20.61 -19.57 5.81
CA SER A 446 -22.07 -19.37 5.92
C SER A 446 -22.57 -19.94 7.25
N ARG A 447 -22.50 -19.13 8.31
CA ARG A 447 -22.97 -19.56 9.63
C ARG A 447 -24.14 -18.68 10.10
#